data_4FUB
#
_entry.id   4FUB
#
_cell.length_a   55.100
_cell.length_b   52.400
_cell.length_c   80.250
_cell.angle_alpha   90.000
_cell.angle_beta   90.000
_cell.angle_gamma   90.000
#
_symmetry.space_group_name_H-M   'P 21 21 21'
#
loop_
_entity.id
_entity.type
_entity.pdbx_description
1 polymer 'Urokinase-type plasminogen activator'
2 non-polymer 6-[(2S,3S)-3-phenyloxiran-2-yl]naphthalene-2-carboximidamide
3 non-polymer 'SULFATE ION'
4 non-polymer 'SUCCINIC ACID'
5 non-polymer GLYCEROL
6 non-polymer 'POLYETHYLENE GLYCOL (N=34)'
7 non-polymer 'ACETATE ION'
8 water water
#
_entity_poly.entity_id   1
_entity_poly.type   'polypeptide(L)'
_entity_poly.pdbx_seq_one_letter_code
;IIGGEFTTIENQPWFAAIYRRHRGGSVTYVCGGSLISPCWVISATHCFIDYPKKEDYIVYLGRSRLNSNTQGEMKFEVEN
LILHKDYSADTLAHHNDIALLKIRSKEGRCAQPSRTIQTIALPSMYNDPQFGTSCEITGFGKEQSTDYLYPEQLKMTVVK
LISHRECQQPHYYGSEVTTKMLCAADPQWKTDSCQGDSGGPLVCSLQGRMTLTGIVSWGRGCALKDKPGVYTRVSHFLPW
IRSHTK
;
_entity_poly.pdbx_strand_id   A
#
loop_
_chem_comp.id
_chem_comp.type
_chem_comp.name
_chem_comp.formula
15P non-polymer 'POLYETHYLENE GLYCOL (N=34)' 'C69 H140 O35'
4UP non-polymer 6-[(2S,3S)-3-phenyloxiran-2-yl]naphthalene-2-carboximidamide 'C19 H16 N2 O'
ACT non-polymer 'ACETATE ION' 'C2 H3 O2 -1'
GOL non-polymer GLYCEROL 'C3 H8 O3'
SIN non-polymer 'SUCCINIC ACID' 'C4 H6 O4'
SO4 non-polymer 'SULFATE ION' 'O4 S -2'
#
# COMPACT_ATOMS: atom_id res chain seq x y z
N ILE A 1 8.80 6.90 2.44
CA ILE A 1 9.88 6.26 1.65
C ILE A 1 11.24 6.87 2.04
N ILE A 2 12.16 6.01 2.51
CA ILE A 2 13.54 6.38 2.81
C ILE A 2 14.29 6.34 1.50
N GLY A 3 15.01 7.41 1.18
CA GLY A 3 15.78 7.51 -0.06
C GLY A 3 14.85 7.56 -1.26
N GLY A 4 15.24 6.93 -2.36
CA GLY A 4 14.44 6.92 -3.58
C GLY A 4 14.39 8.28 -4.26
N GLU A 5 13.26 8.56 -4.93
CA GLU A 5 13.09 9.78 -5.71
C GLU A 5 11.73 10.36 -5.54
N PHE A 6 11.61 11.69 -5.69
CA PHE A 6 10.30 12.30 -5.72
C PHE A 6 9.71 12.01 -7.07
N THR A 7 8.40 11.82 -7.14
CA THR A 7 7.73 11.51 -8.39
C THR A 7 6.40 12.30 -8.40
N THR A 8 5.55 12.02 -9.39
CA THR A 8 4.21 12.63 -9.51
C THR A 8 3.22 11.50 -9.81
N ILE A 9 1.92 11.75 -9.60
CA ILE A 9 0.87 10.75 -9.78
C ILE A 9 0.79 10.18 -11.22
N GLU A 10 1.23 10.94 -12.28
CA GLU A 10 1.17 10.40 -13.64
C GLU A 10 2.07 9.14 -13.80
N ASN A 11 3.07 8.98 -12.93
CA ASN A 11 3.98 7.82 -12.94
C ASN A 11 3.45 6.67 -12.09
N GLN A 12 2.50 6.93 -11.17
CA GLN A 12 1.92 5.95 -10.22
C GLN A 12 0.37 6.09 -10.25
N PRO A 13 -0.31 5.99 -11.42
CA PRO A 13 -1.74 6.38 -11.48
C PRO A 13 -2.75 5.51 -10.74
N TRP A 14 -2.34 4.33 -10.24
CA TRP A 14 -3.15 3.43 -9.42
C TRP A 14 -3.03 3.80 -7.94
N PHE A 15 -2.15 4.76 -7.58
CA PHE A 15 -1.92 5.10 -6.16
C PHE A 15 -3.08 5.91 -5.54
N ALA A 16 -3.61 5.40 -4.40
CA ALA A 16 -4.69 6.07 -3.65
C ALA A 16 -4.13 6.66 -2.36
N ALA A 17 -4.47 7.93 -2.09
CA ALA A 17 -4.03 8.65 -0.89
C ALA A 17 -5.22 8.68 0.09
N ILE A 18 -5.08 8.02 1.25
CA ILE A 18 -6.17 7.84 2.20
C ILE A 18 -5.96 8.68 3.45
N TYR A 19 -6.97 9.50 3.77
CA TYR A 19 -6.95 10.42 4.91
C TYR A 19 -8.10 10.13 5.86
N ARG A 20 -8.01 10.67 7.10
CA ARG A 20 -9.05 10.51 8.11
C ARG A 20 -9.45 11.87 8.68
N ARG A 21 -10.77 12.08 8.77
CA ARG A 21 -11.34 13.29 9.36
CA ARG A 21 -11.35 13.28 9.36
C ARG A 21 -11.58 13.04 10.84
N HIS A 22 -11.05 13.93 11.68
CA HIS A 22 -11.17 13.86 13.13
C HIS A 22 -12.34 14.72 13.58
N ARG A 23 -12.87 14.45 14.79
CA ARG A 23 -13.89 15.30 15.40
C ARG A 23 -13.31 16.71 15.53
N GLY A 24 -14.02 17.71 15.01
CA GLY A 24 -13.54 19.09 15.00
C GLY A 24 -13.19 19.58 13.60
N GLY A 25 -13.08 18.63 12.65
CA GLY A 25 -12.81 18.94 11.25
C GLY A 25 -11.40 18.77 10.72
N SER A 26 -10.40 18.46 11.57
CA SER A 26 -9.04 18.33 11.05
C SER A 26 -8.90 17.02 10.25
N VAL A 27 -8.13 17.10 9.17
CA VAL A 27 -7.90 15.98 8.27
C VAL A 27 -6.40 15.69 8.28
N THR A 28 -6.04 14.41 8.50
CA THR A 28 -4.65 13.96 8.53
C THR A 28 -4.48 12.74 7.62
N TYR A 29 -3.27 12.57 7.09
CA TYR A 29 -2.96 11.45 6.23
C TYR A 29 -2.89 10.16 7.03
N VAL A 30 -3.43 9.07 6.43
CA VAL A 30 -3.41 7.78 7.14
C VAL A 30 -2.44 6.81 6.48
N CYS A 31 -2.78 6.34 5.27
CA CYS A 31 -2.06 5.28 4.58
C CYS A 31 -2.23 5.42 3.09
N GLY A 32 -1.49 4.61 2.35
CA GLY A 32 -1.63 4.47 0.91
C GLY A 32 -2.60 3.34 0.56
N GLY A 33 -2.90 3.23 -0.72
CA GLY A 33 -3.79 2.20 -1.26
C GLY A 33 -3.60 2.05 -2.76
N SER A 34 -4.26 1.03 -3.37
CA SER A 34 -4.14 0.81 -4.82
C SER A 34 -5.50 0.60 -5.48
N LEU A 35 -5.70 1.21 -6.66
CA LEU A 35 -6.98 1.04 -7.37
C LEU A 35 -6.95 -0.28 -8.17
N ILE A 36 -7.80 -1.27 -7.78
CA ILE A 36 -7.80 -2.57 -8.49
C ILE A 36 -8.96 -2.68 -9.51
N SER A 37 -9.98 -1.85 -9.34
CA SER A 37 -11.13 -1.73 -10.24
C SER A 37 -11.71 -0.33 -9.97
N PRO A 38 -12.53 0.29 -10.87
CA PRO A 38 -13.00 1.66 -10.63
C PRO A 38 -13.65 1.90 -9.26
N CYS A 39 -14.39 0.91 -8.69
CA CYS A 39 -15.06 1.08 -7.38
C CYS A 39 -14.23 0.57 -6.20
N TRP A 40 -13.06 -0.03 -6.44
CA TRP A 40 -12.39 -0.70 -5.34
C TRP A 40 -10.91 -0.34 -5.15
N VAL A 41 -10.58 0.06 -3.93
CA VAL A 41 -9.23 0.36 -3.48
C VAL A 41 -8.82 -0.73 -2.51
N ILE A 42 -7.62 -1.30 -2.69
CA ILE A 42 -7.13 -2.33 -1.77
C ILE A 42 -6.01 -1.70 -0.91
N SER A 43 -6.05 -1.98 0.40
CA SER A 43 -5.08 -1.41 1.34
C SER A 43 -4.79 -2.45 2.45
N ALA A 44 -4.30 -2.00 3.62
CA ALA A 44 -3.94 -2.86 4.76
C ALA A 44 -4.90 -2.63 5.94
N THR A 45 -5.43 -3.72 6.54
CA THR A 45 -6.35 -3.62 7.68
C THR A 45 -5.72 -2.85 8.87
N HIS A 46 -4.40 -2.98 9.16
CA HIS A 46 -3.86 -2.28 10.35
C HIS A 46 -4.02 -0.72 10.31
N CYS A 47 -4.25 -0.15 9.10
CA CYS A 47 -4.44 1.30 8.88
C CYS A 47 -5.79 1.78 9.45
N PHE A 48 -6.77 0.86 9.58
CA PHE A 48 -8.17 1.16 9.92
C PHE A 48 -8.74 0.45 11.15
N ILE A 49 -8.14 -0.67 11.58
CA ILE A 49 -8.69 -1.52 12.65
C ILE A 49 -9.06 -0.73 13.97
N ASP A 50 -8.31 0.33 14.33
CA ASP A 50 -8.56 1.11 15.56
C ASP A 50 -9.62 2.20 15.39
N TYR A 51 -9.93 2.53 14.14
CA TYR A 51 -10.97 3.52 13.76
C TYR A 51 -11.80 2.89 12.64
N PRO A 52 -12.60 1.84 12.93
CA PRO A 52 -13.28 1.11 11.85
C PRO A 52 -14.60 1.73 11.34
N LYS A 53 -14.74 3.08 11.40
CA LYS A 53 -15.92 3.81 10.90
C LYS A 53 -15.63 4.27 9.50
N LYS A 54 -16.33 3.71 8.51
CA LYS A 54 -16.08 4.04 7.10
C LYS A 54 -16.30 5.55 6.81
N GLU A 55 -17.23 6.21 7.55
CA GLU A 55 -17.56 7.63 7.32
C GLU A 55 -16.38 8.56 7.61
N ASP A 56 -15.42 8.10 8.42
CA ASP A 56 -14.25 8.92 8.79
C ASP A 56 -13.23 9.12 7.65
N TYR A 57 -13.29 8.29 6.61
CA TYR A 57 -12.24 8.27 5.59
C TYR A 57 -12.53 9.05 4.31
N ILE A 58 -11.45 9.62 3.77
CA ILE A 58 -11.39 10.36 2.51
C ILE A 58 -10.33 9.69 1.66
N VAL A 59 -10.68 9.32 0.42
CA VAL A 59 -9.75 8.67 -0.51
C VAL A 59 -9.55 9.57 -1.73
N TYR A 60 -8.30 9.82 -2.12
CA TYR A 60 -8.00 10.58 -3.35
C TYR A 60 -7.28 9.72 -4.37
N LEU A 61 -7.62 9.97 -5.64
CA LEU A 61 -6.97 9.35 -6.78
CA LEU A 61 -7.01 9.35 -6.81
C LEU A 61 -6.49 10.51 -7.65
N GLY A 62 -5.36 10.36 -8.34
CA GLY A 62 -4.83 11.47 -9.16
C GLY A 62 -4.21 12.62 -8.40
N ARG A 63 -3.83 12.39 -7.14
CA ARG A 63 -3.24 13.40 -6.25
C ARG A 63 -1.73 13.17 -6.09
N SER A 64 -0.91 14.21 -6.38
CA SER A 64 0.57 14.12 -6.37
C SER A 64 1.21 14.69 -5.10
N ARG A 65 0.50 15.51 -4.33
CA ARG A 65 1.07 16.18 -3.14
C ARG A 65 0.11 16.07 -1.98
N LEU A 66 0.65 16.04 -0.76
CA LEU A 66 -0.08 15.82 0.49
C LEU A 66 -1.09 16.91 0.80
N ASN A 67 -0.76 18.16 0.48
CA ASN A 67 -1.61 19.32 0.77
C ASN A 67 -1.89 20.19 -0.48
N SER A 68 -1.90 19.57 -1.67
CA SER A 68 -2.24 20.27 -2.91
C SER A 68 -3.39 19.56 -3.61
N ASN A 69 -4.36 20.31 -4.13
CA ASN A 69 -5.47 19.72 -4.89
C ASN A 69 -5.02 19.63 -6.36
N THR A 70 -4.24 18.56 -6.67
CA THR A 70 -3.65 18.30 -7.99
C THR A 70 -4.70 18.34 -9.11
N GLN A 71 -4.35 19.00 -10.23
CA GLN A 71 -5.21 19.07 -11.41
C GLN A 71 -5.51 17.65 -11.92
N GLY A 72 -6.80 17.34 -12.06
CA GLY A 72 -7.26 16.01 -12.49
C GLY A 72 -7.57 15.05 -11.36
N GLU A 73 -7.26 15.42 -10.09
CA GLU A 73 -7.53 14.53 -8.95
C GLU A 73 -9.05 14.31 -8.75
N MET A 74 -9.40 13.17 -8.09
CA MET A 74 -10.79 12.80 -7.77
CA MET A 74 -10.79 12.88 -7.75
C MET A 74 -10.87 12.48 -6.28
N LYS A 75 -11.85 13.03 -5.56
CA LYS A 75 -12.06 12.81 -4.12
C LYS A 75 -13.26 11.87 -3.89
N PHE A 76 -13.14 10.91 -2.93
CA PHE A 76 -14.19 9.91 -2.66
C PHE A 76 -14.42 9.67 -1.17
N GLU A 77 -15.60 9.12 -0.83
CA GLU A 77 -15.90 8.62 0.50
C GLU A 77 -15.89 7.11 0.39
N VAL A 78 -15.95 6.40 1.52
CA VAL A 78 -15.88 4.93 1.55
C VAL A 78 -17.31 4.38 1.78
N GLU A 79 -17.84 3.72 0.75
CA GLU A 79 -19.17 3.09 0.75
C GLU A 79 -19.17 1.82 1.60
N ASN A 80 -18.08 1.05 1.53
CA ASN A 80 -17.91 -0.18 2.29
CA ASN A 80 -17.90 -0.19 2.29
C ASN A 80 -16.47 -0.33 2.71
N LEU A 81 -16.23 -0.50 4.00
CA LEU A 81 -14.90 -0.75 4.56
C LEU A 81 -14.88 -2.21 4.98
N ILE A 82 -14.13 -3.04 4.24
CA ILE A 82 -14.03 -4.49 4.44
C ILE A 82 -12.68 -4.82 5.02
N LEU A 83 -12.68 -5.30 6.28
CA LEU A 83 -11.46 -5.71 6.97
C LEU A 83 -11.42 -7.23 7.00
N HIS A 84 -10.22 -7.83 6.83
CA HIS A 84 -10.10 -9.30 6.85
C HIS A 84 -10.48 -9.79 8.25
N LYS A 85 -11.44 -10.73 8.33
CA LYS A 85 -11.98 -11.23 9.60
C LYS A 85 -10.94 -11.88 10.53
N ASP A 86 -9.83 -12.41 9.99
CA ASP A 86 -8.86 -13.05 10.86
C ASP A 86 -7.57 -12.22 10.98
N TYR A 87 -7.70 -10.89 10.95
CA TYR A 87 -6.58 -9.98 11.15
C TYR A 87 -6.09 -10.11 12.61
N SER A 88 -4.78 -10.02 12.82
CA SER A 88 -4.20 -10.02 14.16
C SER A 88 -2.82 -9.37 14.11
N ALA A 89 -2.38 -8.83 15.24
CA ALA A 89 -1.08 -8.17 15.32
C ALA A 89 -0.23 -8.77 16.43
N ASP A 90 0.97 -9.21 16.07
CA ASP A 90 1.99 -9.69 17.00
C ASP A 90 2.93 -8.51 17.25
N THR A 91 4.01 -8.68 18.05
CA THR A 91 4.95 -7.58 18.35
C THR A 91 5.42 -6.87 17.06
N LEU A 92 5.72 -7.64 16.01
CA LEU A 92 6.14 -7.07 14.73
C LEU A 92 5.18 -7.40 13.62
N ALA A 93 4.93 -8.69 13.40
CA ALA A 93 4.12 -9.19 12.29
C ALA A 93 2.63 -8.87 12.43
N HIS A 94 2.00 -8.52 11.29
CA HIS A 94 0.55 -8.36 11.15
C HIS A 94 0.07 -9.52 10.28
N HIS A 95 -1.06 -10.13 10.63
CA HIS A 95 -1.60 -11.29 9.90
C HIS A 95 -2.86 -10.92 9.15
N ASN A 96 -3.02 -11.40 7.90
CA ASN A 96 -4.18 -11.08 7.04
C ASN A 96 -4.32 -9.56 6.98
N ASP A 97 -3.19 -8.87 6.70
CA ASP A 97 -3.14 -7.39 6.67
C ASP A 97 -3.59 -6.89 5.31
N ILE A 98 -4.89 -7.02 5.08
CA ILE A 98 -5.51 -6.70 3.79
C ILE A 98 -6.91 -6.15 4.03
N ALA A 99 -7.26 -5.08 3.28
CA ALA A 99 -8.54 -4.42 3.41
C ALA A 99 -9.02 -3.93 2.05
N LEU A 100 -10.34 -3.88 1.88
CA LEU A 100 -10.96 -3.34 0.67
C LEU A 100 -11.81 -2.15 1.02
N LEU A 101 -11.70 -1.10 0.19
CA LEU A 101 -12.47 0.12 0.35
C LEU A 101 -13.27 0.36 -0.91
N LYS A 102 -14.61 0.17 -0.85
CA LYS A 102 -15.47 0.48 -1.99
C LYS A 102 -15.65 1.99 -1.94
N ILE A 103 -15.22 2.67 -3.00
CA ILE A 103 -15.21 4.13 -3.07
C ILE A 103 -16.39 4.66 -3.85
N ARG A 104 -16.84 5.89 -3.51
CA ARG A 104 -17.93 6.56 -4.19
C ARG A 104 -17.80 8.07 -4.03
N SER A 105 -18.01 8.81 -5.12
CA SER A 105 -17.99 10.27 -5.09
C SER A 105 -19.25 10.75 -4.43
N LYS A 106 -19.37 12.04 -4.15
CA LYS A 106 -20.59 12.56 -3.55
C LYS A 106 -21.80 12.34 -4.50
N GLU A 107 -21.53 12.14 -5.81
CA GLU A 107 -22.56 11.89 -6.83
C GLU A 107 -22.89 10.40 -6.96
N GLY A 108 -22.23 9.57 -6.15
CA GLY A 108 -22.41 8.12 -6.11
C GLY A 108 -21.66 7.34 -7.18
N ARG A 109 -20.60 7.94 -7.73
CA ARG A 109 -19.84 7.34 -8.82
C ARG A 109 -18.49 6.79 -8.41
N CYS A 110 -18.02 5.79 -9.18
CA CYS A 110 -16.71 5.20 -8.94
C CYS A 110 -15.65 6.01 -9.72
N ALA A 111 -14.39 5.59 -9.69
CA ALA A 111 -13.32 6.31 -10.38
C ALA A 111 -13.53 6.35 -11.89
N GLN A 112 -13.13 7.48 -12.50
CA GLN A 112 -13.16 7.71 -13.94
C GLN A 112 -11.73 7.58 -14.44
N PRO A 113 -11.34 6.48 -15.14
CA PRO A 113 -9.96 6.35 -15.59
C PRO A 113 -9.51 7.51 -16.48
N SER A 114 -8.26 7.91 -16.32
CA SER A 114 -7.67 9.01 -17.09
C SER A 114 -6.15 8.82 -17.19
N ARG A 115 -5.44 9.84 -17.67
CA ARG A 115 -3.97 9.81 -17.74
C ARG A 115 -3.35 9.67 -16.32
N THR A 116 -4.01 10.21 -15.27
CA THR A 116 -3.47 10.20 -13.90
C THR A 116 -4.24 9.27 -12.93
N ILE A 117 -5.30 8.58 -13.41
CA ILE A 117 -6.09 7.61 -12.61
C ILE A 117 -6.26 6.32 -13.43
N GLN A 118 -5.61 5.24 -12.98
CA GLN A 118 -5.63 3.98 -13.71
C GLN A 118 -5.66 2.84 -12.73
N THR A 119 -6.21 1.69 -13.13
CA THR A 119 -6.19 0.51 -12.26
C THR A 119 -4.83 -0.21 -12.40
N ILE A 120 -4.49 -1.09 -11.44
CA ILE A 120 -3.30 -1.93 -11.45
C ILE A 120 -3.78 -3.39 -11.51
N ALA A 121 -3.18 -4.19 -12.42
CA ALA A 121 -3.56 -5.59 -12.58
C ALA A 121 -3.22 -6.42 -11.32
N LEU A 122 -4.13 -7.36 -10.98
CA LEU A 122 -3.91 -8.29 -9.90
C LEU A 122 -3.08 -9.47 -10.40
N PRO A 123 -2.31 -10.15 -9.54
CA PRO A 123 -1.58 -11.35 -10.03
C PRO A 123 -2.52 -12.54 -10.25
N SER A 124 -2.04 -13.58 -10.97
CA SER A 124 -2.78 -14.83 -11.13
C SER A 124 -2.35 -15.74 -9.96
N MET A 125 -3.15 -16.77 -9.62
CA MET A 125 -2.79 -17.61 -8.48
C MET A 125 -1.47 -18.38 -8.72
N TYR A 126 -0.68 -18.55 -7.62
CA TYR A 126 0.63 -19.24 -7.57
C TYR A 126 1.64 -18.63 -8.57
N ASN A 127 1.49 -17.34 -8.90
CA ASN A 127 2.35 -16.69 -9.88
C ASN A 127 2.95 -15.38 -9.34
N ASP A 128 4.05 -15.51 -8.60
CA ASP A 128 4.76 -14.37 -8.07
C ASP A 128 6.12 -14.28 -8.76
N PRO A 129 6.75 -13.08 -8.85
CA PRO A 129 8.05 -13.02 -9.52
C PRO A 129 9.11 -13.74 -8.69
N GLN A 130 10.17 -14.19 -9.37
CA GLN A 130 11.26 -14.92 -8.71
C GLN A 130 12.01 -14.01 -7.76
N PHE A 131 12.64 -14.57 -6.71
CA PHE A 131 13.46 -13.79 -5.78
C PHE A 131 14.56 -13.04 -6.58
N GLY A 132 14.88 -11.80 -6.19
CA GLY A 132 15.90 -10.98 -6.85
C GLY A 132 15.34 -9.99 -7.85
N THR A 133 14.07 -10.18 -8.29
CA THR A 133 13.33 -9.28 -9.21
CA THR A 133 13.49 -9.25 -9.26
C THR A 133 13.22 -7.89 -8.59
N SER A 134 13.38 -6.82 -9.38
CA SER A 134 13.21 -5.46 -8.90
C SER A 134 11.74 -5.06 -8.98
N CYS A 135 11.22 -4.49 -7.90
CA CYS A 135 9.85 -4.02 -7.84
C CYS A 135 9.86 -2.60 -7.29
N GLU A 136 8.81 -1.84 -7.58
CA GLU A 136 8.74 -0.47 -7.08
C GLU A 136 7.70 -0.32 -5.96
N ILE A 137 7.93 0.68 -5.08
CA ILE A 137 6.99 1.02 -4.00
C ILE A 137 6.76 2.52 -4.08
N THR A 138 5.60 2.97 -3.61
CA THR A 138 5.23 4.38 -3.63
C THR A 138 4.51 4.74 -2.36
N GLY A 139 4.65 6.00 -1.95
CA GLY A 139 3.95 6.51 -0.79
C GLY A 139 4.38 7.88 -0.31
N PHE A 140 3.61 8.37 0.67
CA PHE A 140 3.81 9.66 1.35
C PHE A 140 4.43 9.45 2.74
N GLY A 141 4.91 8.24 3.02
CA GLY A 141 5.50 7.89 4.31
C GLY A 141 6.76 8.65 4.64
N LYS A 142 7.23 8.53 5.91
CA LYS A 142 8.43 9.22 6.41
C LYS A 142 9.64 9.04 5.51
N GLU A 143 10.43 10.11 5.36
CA GLU A 143 11.71 10.14 4.62
C GLU A 143 12.84 9.64 5.51
N GLN A 144 12.66 9.75 6.83
CA GLN A 144 13.61 9.32 7.88
C GLN A 144 12.82 8.79 9.06
N SER A 145 13.31 7.74 9.75
CA SER A 145 12.58 7.20 10.91
C SER A 145 12.39 8.25 12.04
N THR A 146 13.31 9.24 12.16
CA THR A 146 13.22 10.29 13.20
C THR A 146 12.28 11.44 12.81
N ASP A 147 11.78 11.48 11.56
CA ASP A 147 10.84 12.52 11.18
C ASP A 147 9.47 12.27 11.82
N TYR A 148 8.73 13.32 12.14
CA TYR A 148 7.35 13.19 12.63
C TYR A 148 6.39 13.68 11.49
N LEU A 149 6.90 14.55 10.61
CA LEU A 149 6.15 15.04 9.43
C LEU A 149 6.37 14.11 8.27
N TYR A 150 5.43 14.09 7.32
CA TYR A 150 5.53 13.33 6.07
C TYR A 150 5.94 14.27 4.91
N PRO A 151 6.58 13.75 3.83
CA PRO A 151 6.95 14.65 2.72
C PRO A 151 5.74 15.17 2.00
N GLU A 152 5.85 16.40 1.51
CA GLU A 152 4.80 17.08 0.75
C GLU A 152 4.64 16.42 -0.62
N GLN A 153 5.75 16.07 -1.26
CA GLN A 153 5.73 15.46 -2.59
C GLN A 153 5.76 13.91 -2.48
N LEU A 154 4.95 13.23 -3.33
CA LEU A 154 4.89 11.77 -3.44
C LEU A 154 6.28 11.22 -3.79
N LYS A 155 6.67 10.09 -3.19
CA LYS A 155 7.96 9.49 -3.47
C LYS A 155 7.81 8.06 -3.94
N MET A 156 8.82 7.55 -4.64
CA MET A 156 8.89 6.16 -5.07
C MET A 156 10.31 5.63 -4.85
N THR A 157 10.46 4.31 -4.83
CA THR A 157 11.78 3.71 -4.82
C THR A 157 11.69 2.31 -5.45
N VAL A 158 12.84 1.69 -5.64
CA VAL A 158 12.92 0.34 -6.19
C VAL A 158 13.66 -0.51 -5.17
N VAL A 159 13.10 -1.70 -4.88
CA VAL A 159 13.63 -2.69 -3.93
C VAL A 159 13.63 -4.06 -4.63
N LYS A 160 14.38 -5.03 -4.08
CA LYS A 160 14.44 -6.37 -4.66
C LYS A 160 13.72 -7.38 -3.77
N LEU A 161 12.97 -8.31 -4.39
CA LEU A 161 12.26 -9.39 -3.67
C LEU A 161 13.24 -10.35 -3.04
N ILE A 162 12.92 -10.76 -1.81
CA ILE A 162 13.74 -11.68 -1.00
C ILE A 162 12.92 -12.96 -0.76
N SER A 163 13.57 -14.13 -0.92
CA SER A 163 12.91 -15.43 -0.75
C SER A 163 12.38 -15.64 0.68
N HIS A 164 11.40 -16.53 0.81
CA HIS A 164 10.87 -16.88 2.13
C HIS A 164 11.96 -17.52 3.01
N ARG A 165 12.83 -18.42 2.44
CA ARG A 165 13.91 -19.09 3.19
C ARG A 165 14.93 -18.04 3.74
N GLU A 166 15.29 -17.02 2.95
CA GLU A 166 16.20 -15.95 3.39
C GLU A 166 15.52 -15.06 4.46
N CYS A 167 14.24 -14.73 4.27
CA CYS A 167 13.59 -13.86 5.23
C CYS A 167 13.32 -14.52 6.57
N GLN A 168 13.30 -15.88 6.60
CA GLN A 168 13.11 -16.64 7.84
C GLN A 168 14.43 -16.90 8.58
N GLN A 169 15.54 -16.32 8.10
CA GLN A 169 16.84 -16.47 8.78
C GLN A 169 16.77 -15.81 10.18
N PRO A 170 17.55 -16.31 11.18
CA PRO A 170 17.46 -15.74 12.53
C PRO A 170 17.73 -14.24 12.64
N HIS A 171 18.70 -13.69 11.87
CA HIS A 171 18.99 -12.25 11.94
C HIS A 171 18.03 -11.41 11.11
N TYR A 172 17.17 -12.07 10.32
CA TYR A 172 16.08 -11.44 9.57
C TYR A 172 14.83 -11.54 10.47
N TYR A 173 13.76 -12.25 10.07
CA TYR A 173 12.58 -12.30 10.95
C TYR A 173 12.22 -13.69 11.53
N GLY A 174 13.06 -14.70 11.32
CA GLY A 174 12.78 -16.05 11.83
C GLY A 174 11.43 -16.57 11.36
N SER A 175 10.69 -17.27 12.24
CA SER A 175 9.36 -17.81 11.89
C SER A 175 8.25 -16.78 12.01
N GLU A 176 8.58 -15.50 12.35
CA GLU A 176 7.59 -14.41 12.44
C GLU A 176 7.06 -14.05 11.05
N VAL A 177 7.85 -14.30 9.98
CA VAL A 177 7.37 -14.02 8.62
C VAL A 177 6.82 -15.34 8.04
N THR A 178 5.60 -15.32 7.49
CA THR A 178 4.91 -16.54 7.02
C THR A 178 4.92 -16.62 5.49
N THR A 179 4.40 -17.74 4.92
CA THR A 179 4.35 -17.94 3.47
C THR A 179 3.28 -17.04 2.82
N LYS A 180 2.41 -16.41 3.63
CA LYS A 180 1.38 -15.47 3.13
C LYS A 180 1.96 -14.04 3.06
N MET A 181 3.28 -13.89 3.35
CA MET A 181 4.00 -12.63 3.38
C MET A 181 5.18 -12.66 2.42
N LEU A 182 5.49 -11.51 1.87
CA LEU A 182 6.60 -11.35 0.95
C LEU A 182 7.60 -10.30 1.45
N CYS A 183 8.89 -10.65 1.47
CA CYS A 183 9.90 -9.66 1.85
C CYS A 183 10.53 -9.02 0.65
N ALA A 184 10.87 -7.71 0.77
CA ALA A 184 11.61 -6.94 -0.24
C ALA A 184 12.45 -5.82 0.42
N ALA A 185 13.67 -5.61 -0.10
CA ALA A 185 14.57 -4.59 0.44
C ALA A 185 15.67 -4.21 -0.53
N ASP A 186 16.43 -3.20 -0.12
CA ASP A 186 17.61 -2.73 -0.82
C ASP A 186 18.77 -3.59 -0.33
N PRO A 187 19.58 -4.22 -1.23
CA PRO A 187 20.75 -4.97 -0.77
C PRO A 187 21.73 -4.12 0.06
N GLN A 188 21.72 -2.77 -0.13
CA GLN A 188 22.62 -1.86 0.64
C GLN A 188 21.89 -1.19 1.82
N TRP A 189 20.60 -1.52 2.07
CA TRP A 189 19.80 -1.04 3.21
C TRP A 189 19.75 0.52 3.29
N LYS A 190 19.76 1.17 2.12
CA LYS A 190 19.69 2.64 2.07
C LYS A 190 18.30 3.15 1.75
N THR A 191 17.49 2.34 1.04
CA THR A 191 16.16 2.77 0.65
C THR A 191 15.10 1.73 1.07
N ASP A 192 13.89 2.19 1.45
CA ASP A 192 12.84 1.31 1.96
C ASP A 192 11.54 2.04 2.14
N SER A 193 10.46 1.28 2.40
CA SER A 193 9.19 1.88 2.84
C SER A 193 9.33 2.19 4.35
N CYS A 194 8.44 3.03 4.88
CA CYS A 194 8.49 3.40 6.30
C CYS A 194 7.06 3.67 6.80
N GLN A 195 6.91 4.06 8.09
CA GLN A 195 5.61 4.41 8.67
C GLN A 195 4.96 5.48 7.78
N GLY A 196 3.71 5.27 7.41
CA GLY A 196 3.01 6.18 6.51
C GLY A 196 2.91 5.60 5.11
N ASP A 197 3.78 4.63 4.77
CA ASP A 197 3.71 3.98 3.47
C ASP A 197 2.79 2.75 3.48
N SER A 198 2.34 2.29 4.70
CA SER A 198 1.48 1.10 4.86
C SER A 198 0.24 1.17 3.98
N GLY A 199 -0.17 0.02 3.45
CA GLY A 199 -1.35 -0.09 2.60
C GLY A 199 -1.06 0.20 1.14
N GLY A 200 0.10 0.83 0.86
CA GLY A 200 0.51 1.21 -0.49
C GLY A 200 1.00 0.04 -1.31
N PRO A 201 1.17 0.25 -2.64
CA PRO A 201 1.55 -0.86 -3.52
C PRO A 201 3.02 -1.23 -3.60
N LEU A 202 3.21 -2.54 -3.81
CA LEU A 202 4.48 -3.13 -4.22
C LEU A 202 4.19 -3.64 -5.63
N VAL A 203 4.65 -2.90 -6.66
CA VAL A 203 4.34 -3.23 -8.05
C VAL A 203 5.56 -3.88 -8.71
N CYS A 204 5.34 -5.07 -9.33
CA CYS A 204 6.39 -5.82 -10.05
C CYS A 204 6.00 -5.98 -11.52
N SER A 205 6.96 -5.81 -12.43
CA SER A 205 6.69 -6.07 -13.84
C SER A 205 6.88 -7.58 -14.01
N LEU A 206 5.81 -8.31 -14.29
CA LEU A 206 5.91 -9.76 -14.35
C LEU A 206 5.37 -10.27 -15.67
N GLN A 207 6.26 -10.95 -16.42
CA GLN A 207 6.02 -11.48 -17.77
C GLN A 207 5.46 -10.37 -18.67
N GLY A 208 6.05 -9.17 -18.53
CA GLY A 208 5.72 -7.97 -19.29
C GLY A 208 4.54 -7.14 -18.80
N ARG A 209 3.89 -7.54 -17.69
CA ARG A 209 2.74 -6.80 -17.18
C ARG A 209 2.97 -6.25 -15.79
N MET A 210 2.64 -4.96 -15.59
CA MET A 210 2.79 -4.31 -14.27
C MET A 210 1.74 -4.92 -13.33
N THR A 211 2.17 -5.50 -12.20
CA THR A 211 1.25 -6.26 -11.33
C THR A 211 1.33 -5.86 -9.86
N LEU A 212 0.18 -5.83 -9.16
CA LEU A 212 0.13 -5.56 -7.73
C LEU A 212 0.51 -6.85 -6.99
N THR A 213 1.82 -7.03 -6.79
CA THR A 213 2.37 -8.21 -6.13
C THR A 213 2.20 -8.11 -4.61
N GLY A 214 2.35 -6.92 -4.05
CA GLY A 214 2.27 -6.75 -2.60
C GLY A 214 1.60 -5.50 -2.11
N ILE A 215 1.33 -5.48 -0.80
CA ILE A 215 0.75 -4.34 -0.04
C ILE A 215 1.67 -4.09 1.12
N VAL A 216 2.17 -2.84 1.29
CA VAL A 216 3.07 -2.47 2.40
C VAL A 216 2.41 -2.84 3.75
N SER A 217 3.07 -3.68 4.57
CA SER A 217 2.45 -4.13 5.80
C SER A 217 3.25 -3.80 7.06
N TRP A 218 4.48 -4.32 7.20
CA TRP A 218 5.27 -4.12 8.41
C TRP A 218 6.77 -4.28 8.17
N GLY A 219 7.53 -3.90 9.18
CA GLY A 219 8.99 -3.98 9.17
C GLY A 219 9.56 -3.54 10.50
N ARG A 220 10.77 -4.05 10.82
CA ARG A 220 11.50 -3.65 12.03
C ARG A 220 12.28 -2.37 11.68
N GLY A 221 11.85 -1.23 12.23
CA GLY A 221 12.46 0.06 11.89
C GLY A 221 12.26 0.35 10.42
N CYS A 222 13.09 1.23 9.81
CA CYS A 222 13.03 1.56 8.38
C CYS A 222 14.45 1.57 7.80
N ALA A 223 14.64 0.86 6.66
CA ALA A 223 15.94 0.71 5.99
C ALA A 223 17.04 0.28 7.01
N LEU A 224 16.65 -0.65 7.92
CA LEU A 224 17.59 -1.24 8.88
C LEU A 224 18.21 -2.50 8.28
N LYS A 225 19.52 -2.68 8.47
CA LYS A 225 20.25 -3.85 7.98
C LYS A 225 19.58 -5.16 8.45
N ASP A 226 19.32 -6.09 7.49
CA ASP A 226 18.71 -7.41 7.69
C ASP A 226 17.27 -7.34 8.14
N LYS A 227 16.60 -6.19 7.92
CA LYS A 227 15.20 -6.02 8.34
C LYS A 227 14.39 -5.52 7.14
N PRO A 228 14.05 -6.45 6.21
CA PRO A 228 13.31 -6.04 4.99
C PRO A 228 11.92 -5.50 5.27
N GLY A 229 11.35 -4.82 4.27
CA GLY A 229 9.95 -4.44 4.29
C GLY A 229 9.18 -5.74 4.11
N VAL A 230 8.05 -5.91 4.82
CA VAL A 230 7.21 -7.12 4.71
C VAL A 230 5.90 -6.70 4.08
N TYR A 231 5.47 -7.50 3.10
CA TYR A 231 4.31 -7.17 2.27
C TYR A 231 3.30 -8.31 2.23
N THR A 232 2.02 -7.98 2.28
CA THR A 232 0.94 -8.95 2.11
C THR A 232 1.09 -9.55 0.72
N ARG A 233 1.17 -10.89 0.64
CA ARG A 233 1.31 -11.56 -0.65
C ARG A 233 -0.07 -11.57 -1.31
N VAL A 234 -0.28 -10.65 -2.24
CA VAL A 234 -1.57 -10.46 -2.90
C VAL A 234 -2.09 -11.75 -3.57
N SER A 235 -1.21 -12.55 -4.24
CA SER A 235 -1.61 -13.78 -4.94
C SER A 235 -2.31 -14.80 -4.04
N HIS A 236 -1.99 -14.84 -2.74
CA HIS A 236 -2.61 -15.78 -1.81
C HIS A 236 -4.08 -15.42 -1.57
N PHE A 237 -4.38 -14.12 -1.60
CA PHE A 237 -5.69 -13.58 -1.23
C PHE A 237 -6.65 -13.38 -2.41
N LEU A 238 -6.36 -13.95 -3.59
CA LEU A 238 -7.23 -13.80 -4.75
C LEU A 238 -8.66 -14.36 -4.51
N PRO A 239 -8.89 -15.54 -3.82
CA PRO A 239 -10.28 -15.96 -3.57
C PRO A 239 -10.99 -14.95 -2.64
N TRP A 240 -10.30 -14.46 -1.58
CA TRP A 240 -10.86 -13.47 -0.65
C TRP A 240 -11.15 -12.13 -1.38
N ILE A 241 -10.25 -11.67 -2.29
CA ILE A 241 -10.47 -10.42 -3.06
C ILE A 241 -11.68 -10.59 -4.00
N ARG A 242 -11.72 -11.69 -4.78
CA ARG A 242 -12.83 -11.95 -5.70
C ARG A 242 -14.16 -12.07 -4.93
N SER A 243 -14.19 -12.81 -3.81
CA SER A 243 -15.44 -12.98 -3.08
C SER A 243 -15.93 -11.67 -2.43
N HIS A 244 -15.00 -10.84 -1.91
CA HIS A 244 -15.40 -9.61 -1.24
C HIS A 244 -15.61 -8.42 -2.20
N THR A 245 -15.31 -8.57 -3.50
CA THR A 245 -15.57 -7.47 -4.46
C THR A 245 -16.81 -7.81 -5.33
N LYS A 246 -17.45 -8.97 -5.09
CA LYS A 246 -18.60 -9.42 -5.89
C LYS A 246 -19.88 -8.65 -5.51
N2 4UP B . 9.61 -1.34 5.18
C1 4UP B . 9.74 -1.17 6.44
N1 4UP B . 10.91 -1.26 7.16
C2 4UP B . 8.48 -0.78 7.18
C11 4UP B . 8.53 -0.16 8.43
C10 4UP B . 7.32 0.25 9.07
C5 4UP B . 6.05 0.02 8.40
C4 4UP B . 6.01 -0.63 7.12
C3 4UP B . 7.20 -1.03 6.53
C9 4UP B . 7.35 0.88 10.37
C8 4UP B . 6.17 1.26 10.98
C7 4UP B . 4.90 1.01 10.31
C6 4UP B . 4.84 0.42 9.06
C12 4UP B . 3.61 1.31 11.03
C13 4UP B . 3.46 0.84 12.46
O 4UP B . 3.66 2.24 12.12
C14 4UP B . 2.12 0.45 13.02
C19 4UP B . 2.07 -0.73 13.82
C18 4UP B . 0.83 -1.17 14.33
C17 4UP B . -0.35 -0.43 14.03
C16 4UP B . -0.30 0.73 13.26
C15 4UP B . 0.94 1.20 12.75
S SO4 C . -0.45 -16.13 8.69
O1 SO4 C . -0.12 -14.71 8.65
O2 SO4 C . 0.22 -16.82 7.59
O3 SO4 C . 0.02 -16.68 9.98
O4 SO4 C . -1.93 -16.36 8.58
C1 SIN D . 1.31 3.29 8.86
O1 SIN D . 2.31 3.09 8.18
O2 SIN D . 0.69 2.25 9.50
C2 SIN D . 0.79 4.70 9.03
C3 SIN D . -0.53 4.68 9.83
C4 SIN D . -0.22 4.62 11.30
O3 SIN D . 1.04 4.88 11.74
O4 SIN D . -1.12 4.35 12.08
C1 GOL E . 1.33 12.94 9.19
O1 GOL E . 1.10 13.40 7.83
C2 GOL E . 0.36 11.74 9.44
O2 GOL E . -0.99 12.20 9.33
C3 GOL E . 0.56 11.16 10.85
O3 GOL E . -0.19 9.92 10.89
C1 GOL F . -1.05 15.28 6.79
O1 GOL F . -1.40 14.71 8.01
C2 GOL F . -1.50 16.71 6.74
O2 GOL F . -2.63 16.69 5.82
C3 GOL F . -0.29 17.47 6.19
O3 GOL F . -0.18 18.80 6.74
C1 GOL G . 4.56 7.11 16.31
O1 GOL G . 3.58 6.20 15.73
C2 GOL G . 5.22 7.78 15.10
O2 GOL G . 6.57 7.35 14.96
C3 GOL G . 5.04 9.29 15.09
O3 GOL G . 6.01 9.99 14.29
C1 GOL H . 9.41 4.93 12.00
O1 GOL H . 8.36 5.65 12.60
C2 GOL H . 9.74 3.62 12.75
O2 GOL H . 9.66 3.74 14.21
C3 GOL H . 11.16 3.22 12.36
O3 GOL H . 12.06 3.29 13.49
C1 GOL I . -16.68 17.96 -4.09
O1 GOL I . -17.76 17.12 -4.40
C2 GOL I . -15.89 17.39 -2.93
O2 GOL I . -16.06 15.97 -2.85
C3 GOL I . -16.29 18.05 -1.62
O3 GOL I . -15.18 18.03 -0.73
O3 15P J . -15.10 -1.56 -9.77
C7 15P J . -16.14 -2.14 -10.56
C8 15P J . -16.91 -3.20 -9.75
O4 15P J . -17.72 -2.72 -8.64
C9 15P J . -18.07 -3.95 -7.97
C10 15P J . -19.34 -3.94 -7.11
O5 15P J . -19.23 -4.95 -6.07
C11 15P J . -19.77 -4.33 -4.86
C12 15P J . -20.56 -5.26 -3.96
C1 GOL K . -11.11 11.15 16.86
O1 GOL K . -11.80 12.18 16.16
C2 GOL K . -9.80 11.65 17.47
O2 GOL K . -9.21 12.70 16.73
C3 GOL K . -8.78 10.57 17.79
O3 GOL K . -7.67 10.62 16.90
C ACT L . -1.64 -19.85 -2.20
O ACT L . -1.11 -19.52 -3.21
OXT ACT L . -1.11 -19.57 -1.15
CH3 ACT L . -2.93 -20.55 -2.27
C ACT M . -6.08 -18.28 4.61
O ACT M . -6.30 -17.18 4.12
OXT ACT M . -5.33 -18.37 5.56
CH3 ACT M . -6.73 -19.50 3.98
C ACT N . 3.69 -20.27 7.36
O ACT N . 3.13 -20.15 6.30
OXT ACT N . 3.01 -20.36 8.39
CH3 ACT N . 5.18 -20.32 7.34
C ACT O . -16.04 -3.04 9.42
O ACT O . -15.79 -1.82 9.42
OXT ACT O . -16.73 -3.57 8.51
CH3 ACT O . -15.50 -3.92 10.53
C ACT P . -17.41 17.86 14.14
O ACT P . -16.95 18.78 13.48
OXT ACT P . -16.96 16.74 13.97
CH3 ACT P . -18.49 18.10 15.16
#